data_7LAP
#
_entry.id   7LAP
#
_cell.length_a   161.489
_cell.length_b   161.489
_cell.length_c   138.672
_cell.angle_alpha   90.000
_cell.angle_beta   90.000
_cell.angle_gamma   120.000
#
_symmetry.space_group_name_H-M   'P 63 2 2'
#
loop_
_entity.id
_entity.type
_entity.pdbx_description
1 polymer 'Aminoglycoside N(3)-acetyltransferase'
2 non-polymer 'D(-)-TARTARIC ACID'
3 non-polymer 'FORMIC ACID'
4 non-polymer 'CHLORIDE ION'
5 water water
#
_entity_poly.entity_id   1
_entity_poly.type   'polypeptide(L)'
_entity_poly.pdbx_seq_one_letter_code
;DYKDDDDKMDETELLRRSDGPVTRDRIRHDLAALGLVPGDTVMFHTRLSAIGYVSGGPQTVIDALLDVVGPTGTLLVTCG
WNDAPPYDFTDWPPAWQEAVRAHHPAFDPRTSEAEHANGRLPEALRRRPGAVRSRHPDVSLAALGASAPALMDAHPWDDP
HGPGSPLARLVALGGRVLLLGAPRDTMTLLHHAEALAQAPGKRFVTYEQPIEVAGERVWRTFRDIDSEHGAFDYSSAVPE
GQDPFAVIVGSMLAAGIGREGFVGAARSRLFDAAPAVEFGVRWIEEHLNRDR
;
_entity_poly.pdbx_strand_id   A,B
#
loop_
_chem_comp.id
_chem_comp.type
_chem_comp.name
_chem_comp.formula
CL non-polymer 'CHLORIDE ION' 'Cl -1'
FMT non-polymer 'FORMIC ACID' 'C H2 O2'
TAR non-polymer 'D(-)-TARTARIC ACID' 'C4 H6 O6'
#
# COMPACT_ATOMS: atom_id res chain seq x y z
N ASP A 7 19.68 -0.91 -4.90
CA ASP A 7 18.64 -1.90 -4.54
C ASP A 7 19.05 -3.32 -4.87
N LYS A 8 20.03 -3.50 -5.76
CA LYS A 8 20.55 -4.84 -5.95
C LYS A 8 21.25 -5.33 -4.70
N MET A 9 21.89 -4.41 -3.98
CA MET A 9 22.39 -4.77 -2.66
C MET A 9 21.24 -5.08 -1.70
N ASP A 10 20.14 -4.34 -1.79
CA ASP A 10 18.95 -4.65 -0.95
C ASP A 10 18.53 -6.09 -1.16
N GLU A 11 18.48 -6.52 -2.43
CA GLU A 11 18.19 -7.92 -2.74
C GLU A 11 19.27 -8.84 -2.20
N THR A 12 20.54 -8.46 -2.31
CA THR A 12 21.59 -9.33 -1.79
C THR A 12 21.45 -9.51 -0.28
N GLU A 13 21.12 -8.44 0.45
CA GLU A 13 20.84 -8.61 1.87
C GLU A 13 19.69 -9.61 2.10
N LEU A 14 18.56 -9.43 1.42
CA LEU A 14 17.45 -10.33 1.65
C LEU A 14 17.77 -11.75 1.20
N LEU A 15 18.46 -11.89 0.07
CA LEU A 15 18.81 -13.22 -0.42
C LEU A 15 19.79 -13.92 0.51
N ARG A 16 20.77 -13.19 1.05
CA ARG A 16 21.69 -13.76 2.02
C ARG A 16 20.94 -14.17 3.30
N ARG A 17 19.99 -13.34 3.74
CA ARG A 17 19.25 -13.62 4.96
C ARG A 17 18.52 -14.96 4.90
N SER A 18 17.92 -15.28 3.75
CA SER A 18 17.23 -16.55 3.58
C SER A 18 18.01 -17.55 2.76
N ASP A 19 19.24 -17.24 2.36
CA ASP A 19 20.07 -18.14 1.55
C ASP A 19 19.37 -18.52 0.25
N GLY A 20 18.87 -17.51 -0.45
CA GLY A 20 18.19 -17.74 -1.70
C GLY A 20 16.71 -17.45 -1.59
N PRO A 21 16.02 -17.50 -2.73
CA PRO A 21 14.60 -17.13 -2.75
C PRO A 21 13.78 -18.03 -1.84
N VAL A 22 12.83 -17.40 -1.15
CA VAL A 22 11.80 -18.11 -0.39
C VAL A 22 10.54 -18.20 -1.26
N THR A 23 10.15 -19.41 -1.60
CA THR A 23 9.02 -19.64 -2.48
C THR A 23 7.76 -19.97 -1.70
N ARG A 24 6.65 -20.01 -2.45
CA ARG A 24 5.35 -20.33 -1.88
C ARG A 24 5.37 -21.69 -1.19
N ASP A 25 5.90 -22.69 -1.89
CA ASP A 25 5.97 -24.05 -1.35
C ASP A 25 6.85 -24.12 -0.10
N ARG A 26 7.96 -23.40 -0.07
CA ARG A 26 8.82 -23.43 1.12
C ARG A 26 8.09 -22.85 2.32
N ILE A 27 7.34 -21.76 2.12
CA ILE A 27 6.60 -21.15 3.23
C ILE A 27 5.51 -22.08 3.72
N ARG A 28 4.80 -22.72 2.79
CA ARG A 28 3.77 -23.67 3.15
C ARG A 28 4.36 -24.80 3.99
N HIS A 29 5.50 -25.34 3.52
CA HIS A 29 6.21 -26.38 4.26
C HIS A 29 6.55 -25.92 5.67
N ASP A 30 7.09 -24.71 5.82
CA ASP A 30 7.47 -24.24 7.15
C ASP A 30 6.25 -23.96 8.03
N LEU A 31 5.16 -23.48 7.44
CA LEU A 31 3.94 -23.23 8.22
C LEU A 31 3.36 -24.52 8.77
N ALA A 32 3.28 -25.56 7.92
CA ALA A 32 2.81 -26.85 8.41
C ALA A 32 3.72 -27.39 9.52
N ALA A 33 5.05 -27.25 9.36
CA ALA A 33 5.96 -27.76 10.39
C ALA A 33 5.83 -26.99 11.70
N LEU A 34 5.39 -25.73 11.63
CA LEU A 34 5.13 -24.97 12.84
C LEU A 34 3.82 -25.40 13.53
N GLY A 35 2.91 -26.07 12.82
CA GLY A 35 1.69 -26.61 13.40
C GLY A 35 0.39 -26.09 12.79
N LEU A 36 0.42 -25.23 11.78
CA LEU A 36 -0.82 -24.83 11.10
C LEU A 36 -1.38 -26.00 10.30
N VAL A 37 -2.71 -26.20 10.36
CA VAL A 37 -3.34 -27.38 9.77
C VAL A 37 -4.55 -26.97 8.93
N PRO A 38 -4.99 -27.87 8.02
CA PRO A 38 -6.21 -27.63 7.25
C PRO A 38 -7.40 -27.30 8.15
N GLY A 39 -8.19 -26.30 7.77
CA GLY A 39 -9.36 -25.91 8.55
C GLY A 39 -9.10 -24.89 9.65
N ASP A 40 -7.84 -24.56 9.94
CA ASP A 40 -7.54 -23.53 10.93
C ASP A 40 -8.06 -22.16 10.52
N THR A 41 -8.48 -21.38 11.51
CA THR A 41 -8.64 -19.93 11.39
C THR A 41 -7.47 -19.25 12.06
N VAL A 42 -6.72 -18.42 11.34
CA VAL A 42 -5.48 -17.91 11.88
C VAL A 42 -5.37 -16.40 11.58
N MET A 43 -5.22 -15.64 12.63
CA MET A 43 -4.92 -14.22 12.51
C MET A 43 -3.40 -14.08 12.48
N PHE A 44 -2.88 -13.35 11.51
CA PHE A 44 -1.44 -13.32 11.37
C PHE A 44 -0.92 -11.91 11.23
N HIS A 45 0.31 -11.72 11.75
CA HIS A 45 1.07 -10.48 11.73
C HIS A 45 2.41 -10.81 11.10
N THR A 46 2.86 -9.96 10.18
CA THR A 46 3.94 -10.34 9.28
C THR A 46 4.96 -9.22 9.18
N ARG A 47 6.22 -9.60 9.08
CA ARG A 47 7.33 -8.69 8.86
C ARG A 47 8.05 -9.32 7.66
N LEU A 48 7.60 -8.98 6.45
CA LEU A 48 8.15 -9.60 5.24
C LEU A 48 9.67 -9.70 5.18
N SER A 49 10.36 -8.60 5.46
CA SER A 49 11.81 -8.59 5.35
C SER A 49 12.47 -9.60 6.29
N ALA A 50 11.80 -9.95 7.39
CA ALA A 50 12.38 -10.95 8.27
C ALA A 50 12.35 -12.34 7.65
N ILE A 51 11.42 -12.61 6.71
CA ILE A 51 11.39 -13.92 6.05
C ILE A 51 12.58 -14.09 5.13
N GLY A 52 13.10 -13.00 4.56
CA GLY A 52 14.13 -13.07 3.55
C GLY A 52 13.61 -12.60 2.20
N TYR A 53 14.15 -13.16 1.12
CA TYR A 53 13.74 -12.79 -0.23
C TYR A 53 12.55 -13.65 -0.60
N VAL A 54 11.36 -13.06 -0.52
CA VAL A 54 10.13 -13.77 -0.83
C VAL A 54 9.81 -13.52 -2.29
N SER A 55 9.86 -14.55 -3.12
CA SER A 55 9.65 -14.32 -4.54
C SER A 55 8.14 -14.19 -4.79
N GLY A 56 7.71 -12.99 -5.19
CA GLY A 56 6.29 -12.71 -5.30
C GLY A 56 5.71 -11.85 -4.20
N GLY A 57 6.51 -11.51 -3.18
CA GLY A 57 6.05 -10.63 -2.11
C GLY A 57 4.85 -11.11 -1.31
N PRO A 58 3.99 -10.17 -0.90
CA PRO A 58 2.84 -10.53 -0.03
C PRO A 58 1.93 -11.57 -0.63
N GLN A 59 1.72 -11.55 -1.95
CA GLN A 59 0.83 -12.54 -2.59
CA GLN A 59 0.81 -12.53 -2.55
C GLN A 59 1.29 -13.95 -2.26
N THR A 60 2.60 -14.17 -2.25
CA THR A 60 3.16 -15.50 -2.01
C THR A 60 2.94 -15.94 -0.56
N VAL A 61 3.06 -15.01 0.40
CA VAL A 61 2.74 -15.34 1.79
C VAL A 61 1.29 -15.78 1.92
N ILE A 62 0.36 -15.01 1.34
CA ILE A 62 -1.07 -15.31 1.45
C ILE A 62 -1.40 -16.63 0.76
N ASP A 63 -0.87 -16.85 -0.44
CA ASP A 63 -1.10 -18.12 -1.15
C ASP A 63 -0.60 -19.33 -0.36
N ALA A 64 0.59 -19.21 0.25
CA ALA A 64 1.10 -20.27 1.10
C ALA A 64 0.19 -20.53 2.30
N LEU A 65 -0.29 -19.47 2.96
CA LEU A 65 -1.21 -19.66 4.10
C LEU A 65 -2.50 -20.35 3.65
N LEU A 66 -3.07 -19.93 2.53
CA LEU A 66 -4.26 -20.58 2.00
C LEU A 66 -3.97 -22.03 1.65
N ASP A 67 -2.76 -22.31 1.16
CA ASP A 67 -2.38 -23.69 0.88
C ASP A 67 -2.44 -24.55 2.14
N VAL A 68 -2.00 -24.01 3.27
CA VAL A 68 -2.03 -24.82 4.48
C VAL A 68 -3.45 -24.94 5.01
N VAL A 69 -4.15 -23.81 5.19
CA VAL A 69 -5.43 -23.95 5.88
C VAL A 69 -6.52 -24.46 4.94
N GLY A 70 -6.31 -24.39 3.63
CA GLY A 70 -7.27 -24.96 2.69
C GLY A 70 -8.58 -24.17 2.63
N PRO A 71 -9.53 -24.59 1.78
CA PRO A 71 -10.74 -23.78 1.57
C PRO A 71 -11.66 -23.73 2.77
N THR A 72 -11.50 -24.63 3.76
CA THR A 72 -12.37 -24.55 4.93
C THR A 72 -11.77 -23.66 5.99
N GLY A 73 -10.51 -23.24 5.81
CA GLY A 73 -9.86 -22.34 6.72
C GLY A 73 -10.12 -20.86 6.41
N THR A 74 -9.60 -20.00 7.27
CA THR A 74 -9.80 -18.56 7.20
C THR A 74 -8.53 -17.88 7.66
N LEU A 75 -8.13 -16.80 6.97
CA LEU A 75 -7.07 -15.90 7.39
C LEU A 75 -7.67 -14.59 7.86
N LEU A 76 -7.05 -13.98 8.86
CA LEU A 76 -7.46 -12.71 9.43
C LEU A 76 -6.25 -11.80 9.58
N VAL A 77 -6.46 -10.48 9.42
CA VAL A 77 -5.40 -9.49 9.68
C VAL A 77 -6.06 -8.29 10.35
N THR A 78 -5.23 -7.49 11.01
CA THR A 78 -5.68 -6.21 11.50
C THR A 78 -5.39 -5.14 10.44
N CYS A 79 -6.37 -4.27 10.13
CA CYS A 79 -6.19 -3.21 9.14
C CYS A 79 -6.14 -1.83 9.75
N GLY A 80 -7.21 -1.42 10.49
CA GLY A 80 -7.31 -0.03 10.93
C GLY A 80 -7.54 0.86 9.69
N TRP A 81 -7.29 2.15 9.85
CA TRP A 81 -7.55 3.12 8.78
C TRP A 81 -6.43 4.14 8.78
N ASN A 82 -5.57 4.08 7.76
CA ASN A 82 -4.38 4.91 7.76
C ASN A 82 -4.72 6.38 7.80
N ASP A 83 -5.81 6.79 7.14
CA ASP A 83 -6.08 8.20 6.99
C ASP A 83 -7.29 8.65 7.80
N ALA A 84 -7.56 7.97 8.90
CA ALA A 84 -8.57 8.41 9.86
C ALA A 84 -8.18 9.78 10.40
N PRO A 85 -9.15 10.58 10.84
CA PRO A 85 -8.77 11.79 11.58
C PRO A 85 -8.12 11.41 12.89
N PRO A 86 -7.07 12.10 13.29
CA PRO A 86 -6.40 11.81 14.58
C PRO A 86 -7.36 11.98 15.74
N TYR A 87 -7.14 11.18 16.80
CA TYR A 87 -8.06 11.21 17.94
C TYR A 87 -8.22 12.61 18.48
N ASP A 88 -7.14 13.38 18.44
CA ASP A 88 -7.11 14.69 19.07
C ASP A 88 -7.26 15.86 18.09
N PHE A 89 -7.83 15.64 16.89
CA PHE A 89 -8.11 16.76 15.99
C PHE A 89 -9.04 17.78 16.65
N THR A 90 -9.79 17.37 17.68
CA THR A 90 -10.64 18.33 18.38
C THR A 90 -9.85 19.22 19.33
N ASP A 91 -8.53 19.03 19.44
CA ASP A 91 -7.67 20.04 20.04
C ASP A 91 -7.13 21.06 19.04
N TRP A 92 -7.31 20.85 17.74
CA TRP A 92 -6.74 21.77 16.75
C TRP A 92 -7.40 23.15 16.80
N PRO A 93 -6.80 24.16 16.19
CA PRO A 93 -7.48 25.46 16.03
C PRO A 93 -8.87 25.29 15.41
N PRO A 94 -9.85 26.12 15.81
CA PRO A 94 -11.24 25.90 15.36
C PRO A 94 -11.41 25.78 13.86
N ALA A 95 -10.67 26.56 13.07
CA ALA A 95 -10.83 26.47 11.63
C ALA A 95 -10.36 25.13 11.11
N TRP A 96 -9.28 24.58 11.70
CA TRP A 96 -8.79 23.29 11.23
C TRP A 96 -9.79 22.19 11.57
N GLN A 97 -10.36 22.18 12.79
CA GLN A 97 -11.26 21.07 13.06
C GLN A 97 -12.55 21.22 12.30
N GLU A 98 -13.00 22.43 11.99
CA GLU A 98 -14.20 22.55 11.17
C GLU A 98 -13.95 22.03 9.76
N ALA A 99 -12.74 22.22 9.22
CA ALA A 99 -12.45 21.64 7.91
C ALA A 99 -12.50 20.11 7.96
N VAL A 100 -11.91 19.48 8.98
CA VAL A 100 -12.04 18.03 9.14
C VAL A 100 -13.51 17.64 9.26
N ARG A 101 -14.27 18.34 10.11
CA ARG A 101 -15.67 17.96 10.30
C ARG A 101 -16.47 18.06 9.03
N ALA A 102 -16.29 19.14 8.27
CA ALA A 102 -17.08 19.29 7.04
C ALA A 102 -16.54 18.43 5.89
N HIS A 103 -15.25 18.11 5.87
CA HIS A 103 -14.69 17.54 4.64
C HIS A 103 -13.95 16.22 4.76
N HIS A 104 -13.63 15.72 5.94
CA HIS A 104 -12.91 14.46 5.98
C HIS A 104 -13.83 13.35 5.46
N PRO A 105 -13.42 12.55 4.47
CA PRO A 105 -14.34 11.54 3.93
C PRO A 105 -14.61 10.42 4.93
N ALA A 106 -15.81 9.86 4.82
CA ALA A 106 -16.21 8.73 5.65
C ALA A 106 -15.26 7.54 5.47
N PHE A 107 -15.07 6.78 6.54
CA PHE A 107 -14.50 5.44 6.40
C PHE A 107 -15.28 4.66 5.37
N ASP A 108 -14.55 3.94 4.53
CA ASP A 108 -15.15 3.09 3.50
C ASP A 108 -14.44 1.74 3.52
N PRO A 109 -15.10 0.70 4.00
CA PRO A 109 -14.42 -0.61 4.16
C PRO A 109 -13.83 -1.13 2.86
N ARG A 110 -14.31 -0.67 1.72
CA ARG A 110 -13.78 -1.20 0.47
C ARG A 110 -12.54 -0.46 0.01
N THR A 111 -12.38 0.81 0.39
CA THR A 111 -11.28 1.61 -0.14
C THR A 111 -10.39 2.26 0.90
N SER A 112 -10.86 2.44 2.13
CA SER A 112 -9.99 3.05 3.13
C SER A 112 -8.78 2.16 3.37
N GLU A 113 -7.60 2.77 3.31
CA GLU A 113 -6.37 2.00 3.43
C GLU A 113 -6.11 1.60 4.88
N ALA A 114 -5.60 0.38 5.05
CA ALA A 114 -5.04 -0.06 6.33
C ALA A 114 -3.90 0.85 6.81
N GLU A 115 -3.69 0.84 8.12
CA GLU A 115 -2.59 1.56 8.72
C GLU A 115 -1.27 1.11 8.12
N HIS A 116 -0.48 2.10 7.69
CA HIS A 116 0.85 1.85 7.13
C HIS A 116 1.72 1.02 8.06
N ALA A 117 1.57 1.22 9.37
CA ALA A 117 2.36 0.49 10.33
C ALA A 117 2.02 -0.98 10.38
N ASN A 118 0.84 -1.41 9.93
CA ASN A 118 0.54 -2.83 9.91
C ASN A 118 1.22 -3.55 8.75
N GLY A 119 1.94 -2.83 7.90
CA GLY A 119 2.70 -3.45 6.83
C GLY A 119 1.84 -3.78 5.62
N ARG A 120 2.47 -4.42 4.65
CA ARG A 120 1.83 -4.69 3.37
C ARG A 120 0.89 -5.89 3.36
N LEU A 121 1.04 -6.84 4.31
CA LEU A 121 0.16 -8.01 4.28
C LEU A 121 -1.31 -7.67 4.47
N PRO A 122 -1.72 -6.82 5.42
CA PRO A 122 -3.17 -6.55 5.54
C PRO A 122 -3.75 -5.87 4.33
N GLU A 123 -2.98 -4.98 3.72
CA GLU A 123 -3.42 -4.28 2.52
C GLU A 123 -3.55 -5.25 1.34
N ALA A 124 -2.70 -6.29 1.28
CA ALA A 124 -2.87 -7.27 0.21
C ALA A 124 -4.03 -8.21 0.50
N LEU A 125 -4.18 -8.63 1.76
CA LEU A 125 -5.27 -9.55 2.11
C LEU A 125 -6.63 -8.96 1.74
N ARG A 126 -6.90 -7.70 2.16
CA ARG A 126 -8.23 -7.14 1.95
C ARG A 126 -8.55 -6.92 0.47
N ARG A 127 -7.54 -6.86 -0.41
CA ARG A 127 -7.77 -6.80 -1.85
C ARG A 127 -8.04 -8.15 -2.50
N ARG A 128 -7.85 -9.27 -1.80
CA ARG A 128 -8.10 -10.54 -2.43
C ARG A 128 -9.59 -10.66 -2.76
N PRO A 129 -9.94 -11.32 -3.88
CA PRO A 129 -11.36 -11.62 -4.13
C PRO A 129 -11.96 -12.39 -2.98
N GLY A 130 -13.18 -12.00 -2.60
CA GLY A 130 -13.83 -12.64 -1.47
C GLY A 130 -13.43 -12.10 -0.10
N ALA A 131 -12.41 -11.24 -0.01
CA ALA A 131 -12.01 -10.75 1.32
C ALA A 131 -13.15 -9.94 1.92
N VAL A 132 -13.31 -10.02 3.24
CA VAL A 132 -14.31 -9.23 3.96
C VAL A 132 -13.61 -8.31 4.93
N ARG A 133 -14.01 -7.05 4.97
CA ARG A 133 -13.39 -6.08 5.87
C ARG A 133 -14.44 -5.60 6.86
N SER A 134 -14.10 -5.57 8.16
CA SER A 134 -15.13 -5.18 9.14
C SER A 134 -15.39 -3.67 9.05
N ARG A 135 -16.46 -3.22 9.68
CA ARG A 135 -17.03 -1.90 9.46
C ARG A 135 -16.43 -0.82 10.35
N HIS A 136 -15.59 -1.21 11.31
CA HIS A 136 -15.14 -0.26 12.33
C HIS A 136 -14.14 0.73 11.74
N PRO A 137 -14.34 2.04 11.94
CA PRO A 137 -13.45 3.02 11.28
C PRO A 137 -12.08 3.12 11.90
N ASP A 138 -11.89 2.64 13.13
CA ASP A 138 -10.60 2.77 13.77
C ASP A 138 -9.83 1.47 13.86
N VAL A 139 -10.48 0.34 14.17
CA VAL A 139 -9.73 -0.89 14.37
C VAL A 139 -10.33 -2.01 13.52
N SER A 140 -10.70 -1.72 12.27
CA SER A 140 -11.21 -2.78 11.41
C SER A 140 -10.22 -3.92 11.25
N LEU A 141 -10.76 -5.11 11.03
CA LEU A 141 -10.03 -6.30 10.61
C LEU A 141 -10.45 -6.65 9.20
N ALA A 142 -9.71 -7.56 8.58
CA ALA A 142 -10.10 -8.14 7.29
C ALA A 142 -9.89 -9.63 7.37
N ALA A 143 -10.69 -10.39 6.62
CA ALA A 143 -10.61 -11.84 6.67
C ALA A 143 -10.86 -12.45 5.28
N LEU A 144 -10.28 -13.62 5.07
CA LEU A 144 -10.36 -14.29 3.77
C LEU A 144 -10.51 -15.78 4.03
N GLY A 145 -11.64 -16.37 3.61
CA GLY A 145 -11.88 -17.79 3.75
C GLY A 145 -13.26 -18.10 4.29
N ALA A 146 -13.46 -19.36 4.69
CA ALA A 146 -14.81 -19.91 4.88
C ALA A 146 -15.56 -19.23 6.02
N SER A 147 -14.86 -18.76 7.06
CA SER A 147 -15.52 -18.12 8.19
C SER A 147 -15.44 -16.59 8.16
N ALA A 148 -14.96 -16.01 7.05
CA ALA A 148 -14.76 -14.56 7.02
C ALA A 148 -16.05 -13.75 7.24
N PRO A 149 -17.20 -14.07 6.62
CA PRO A 149 -18.39 -13.22 6.88
C PRO A 149 -18.80 -13.18 8.34
N ALA A 150 -18.81 -14.33 9.01
CA ALA A 150 -19.24 -14.37 10.41
C ALA A 150 -18.22 -13.72 11.33
N LEU A 151 -16.91 -13.86 11.04
CA LEU A 151 -15.94 -13.26 11.90
C LEU A 151 -16.02 -11.73 11.82
N MET A 152 -16.29 -11.18 10.62
CA MET A 152 -16.18 -9.74 10.45
C MET A 152 -17.48 -9.01 10.68
N ASP A 153 -18.61 -9.71 10.73
CA ASP A 153 -19.93 -9.09 10.68
C ASP A 153 -20.19 -8.16 11.88
N ALA A 154 -20.78 -6.99 11.61
CA ALA A 154 -21.28 -6.08 12.65
C ALA A 154 -20.27 -5.88 13.79
N HIS A 155 -19.12 -5.34 13.43
CA HIS A 155 -18.08 -5.04 14.42
C HIS A 155 -18.64 -4.03 15.44
N PRO A 156 -18.64 -4.33 16.74
CA PRO A 156 -19.28 -3.43 17.71
C PRO A 156 -18.63 -2.05 17.65
N TRP A 157 -19.45 -1.01 17.65
CA TRP A 157 -18.89 0.35 17.55
C TRP A 157 -18.08 0.71 18.79
N ASP A 158 -18.72 0.64 19.97
CA ASP A 158 -18.04 0.84 21.25
C ASP A 158 -17.43 -0.47 21.73
N ASP A 159 -16.35 -0.37 22.51
CA ASP A 159 -15.61 -1.53 22.98
CA ASP A 159 -15.60 -1.53 22.98
C ASP A 159 -15.33 -2.48 21.81
N PRO A 160 -14.73 -2.00 20.73
CA PRO A 160 -14.51 -2.84 19.55
C PRO A 160 -13.51 -3.98 19.75
N HIS A 161 -12.81 -4.05 20.89
CA HIS A 161 -12.00 -5.22 21.23
C HIS A 161 -12.64 -6.09 22.30
N GLY A 162 -13.87 -5.79 22.72
CA GLY A 162 -14.48 -6.47 23.84
C GLY A 162 -15.32 -7.66 23.43
N PRO A 163 -16.27 -8.04 24.28
CA PRO A 163 -17.14 -9.19 23.95
C PRO A 163 -17.92 -8.95 22.65
N GLY A 164 -18.19 -10.04 21.93
CA GLY A 164 -18.89 -9.89 20.67
C GLY A 164 -18.09 -9.25 19.53
N SER A 165 -16.81 -8.94 19.71
CA SER A 165 -16.02 -8.37 18.63
C SER A 165 -15.43 -9.48 17.78
N PRO A 166 -14.81 -9.15 16.63
CA PRO A 166 -14.13 -10.22 15.86
C PRO A 166 -13.09 -10.97 16.68
N LEU A 167 -12.38 -10.27 17.58
CA LEU A 167 -11.37 -10.97 18.38
C LEU A 167 -12.02 -11.98 19.32
N ALA A 168 -13.16 -11.62 19.96
CA ALA A 168 -13.89 -12.59 20.76
C ALA A 168 -14.36 -13.77 19.92
N ARG A 169 -14.79 -13.51 18.68
CA ARG A 169 -15.27 -14.61 17.84
C ARG A 169 -14.11 -15.52 17.42
N LEU A 170 -12.91 -14.96 17.24
CA LEU A 170 -11.73 -15.79 16.94
C LEU A 170 -11.44 -16.73 18.11
N VAL A 171 -11.53 -16.22 19.33
CA VAL A 171 -11.36 -17.07 20.51
C VAL A 171 -12.44 -18.16 20.54
N ALA A 172 -13.70 -17.79 20.30
CA ALA A 172 -14.77 -18.79 20.44
C ALA A 172 -14.69 -19.86 19.34
N LEU A 173 -14.20 -19.51 18.15
CA LEU A 173 -14.01 -20.48 17.06
C LEU A 173 -12.85 -21.45 17.28
N GLY A 174 -12.03 -21.28 18.31
CA GLY A 174 -10.81 -22.08 18.41
C GLY A 174 -9.73 -21.59 17.46
N GLY A 175 -9.73 -20.31 17.13
CA GLY A 175 -8.77 -19.79 16.18
C GLY A 175 -7.37 -19.71 16.77
N ARG A 176 -6.46 -19.26 15.94
CA ARG A 176 -5.04 -19.20 16.26
C ARG A 176 -4.48 -17.84 15.89
N VAL A 177 -3.29 -17.55 16.42
CA VAL A 177 -2.57 -16.33 16.10
C VAL A 177 -1.16 -16.71 15.66
N LEU A 178 -0.73 -16.14 14.53
CA LEU A 178 0.59 -16.41 13.97
C LEU A 178 1.37 -15.11 13.92
N LEU A 179 2.56 -15.10 14.54
CA LEU A 179 3.53 -14.04 14.35
C LEU A 179 4.56 -14.53 13.35
N LEU A 180 4.60 -13.92 12.19
CA LEU A 180 5.43 -14.38 11.08
C LEU A 180 6.57 -13.37 10.94
N GLY A 181 7.62 -13.57 11.72
CA GLY A 181 8.69 -12.62 11.85
C GLY A 181 8.29 -11.35 12.56
N ALA A 182 7.05 -11.21 12.96
CA ALA A 182 6.59 -10.02 13.63
C ALA A 182 7.04 -10.06 15.08
N PRO A 183 7.41 -8.93 15.66
CA PRO A 183 7.80 -8.93 17.07
C PRO A 183 6.59 -9.22 17.98
N ARG A 184 6.91 -9.72 19.17
CA ARG A 184 5.88 -10.14 20.12
C ARG A 184 4.88 -9.05 20.44
N ASP A 185 5.24 -7.77 20.32
CA ASP A 185 4.29 -6.74 20.67
C ASP A 185 3.25 -6.41 19.59
N THR A 186 3.26 -7.04 18.41
CA THR A 186 2.17 -6.73 17.46
C THR A 186 0.95 -7.64 17.68
N MET A 187 0.96 -8.51 18.70
CA MET A 187 -0.20 -9.37 18.93
C MET A 187 -1.46 -8.58 19.34
N THR A 188 -2.25 -8.19 18.34
CA THR A 188 -3.53 -7.50 18.51
C THR A 188 -4.50 -8.23 19.46
N LEU A 189 -4.48 -9.56 19.44
CA LEU A 189 -5.37 -10.32 20.32
C LEU A 189 -5.26 -9.89 21.79
N LEU A 190 -4.09 -9.42 22.22
CA LEU A 190 -3.96 -9.06 23.63
C LEU A 190 -4.71 -7.77 23.98
N HIS A 191 -5.09 -6.93 23.01
CA HIS A 191 -6.06 -5.86 23.30
C HIS A 191 -7.41 -6.43 23.76
N HIS A 192 -7.80 -7.58 23.24
CA HIS A 192 -8.98 -8.27 23.75
C HIS A 192 -8.79 -8.72 25.20
N ALA A 193 -7.59 -9.24 25.53
CA ALA A 193 -7.29 -9.52 26.95
C ALA A 193 -7.35 -8.25 27.81
N GLU A 194 -6.79 -7.14 27.33
CA GLU A 194 -6.89 -5.89 28.07
C GLU A 194 -8.35 -5.46 28.27
N ALA A 195 -9.18 -5.60 27.22
CA ALA A 195 -10.60 -5.25 27.37
C ALA A 195 -11.29 -6.12 28.42
N LEU A 196 -10.96 -7.42 28.48
CA LEU A 196 -11.55 -8.31 29.49
C LEU A 196 -10.94 -8.16 30.89
N ALA A 197 -9.73 -7.64 31.03
CA ALA A 197 -9.02 -7.74 32.31
C ALA A 197 -9.59 -6.77 33.36
N GLN A 198 -9.69 -7.24 34.60
CA GLN A 198 -10.21 -6.42 35.71
C GLN A 198 -9.04 -5.97 36.57
N ALA A 199 -8.73 -4.68 36.51
CA ALA A 199 -7.64 -4.12 37.28
C ALA A 199 -7.89 -2.63 37.43
N PRO A 200 -7.32 -1.98 38.45
CA PRO A 200 -7.54 -0.53 38.62
C PRO A 200 -6.82 0.31 37.55
N GLY A 201 -7.33 1.53 37.35
CA GLY A 201 -6.70 2.48 36.46
C GLY A 201 -6.77 2.13 34.98
N LYS A 202 -7.78 1.38 34.54
CA LYS A 202 -7.87 1.11 33.11
C LYS A 202 -8.05 2.42 32.33
N ARG A 203 -7.36 2.55 31.20
CA ARG A 203 -7.41 3.77 30.41
C ARG A 203 -8.24 3.57 29.16
N PHE A 204 -9.12 4.53 28.88
CA PHE A 204 -10.01 4.50 27.73
C PHE A 204 -9.73 5.71 26.84
N VAL A 205 -10.16 5.60 25.59
CA VAL A 205 -10.15 6.75 24.69
C VAL A 205 -11.54 6.91 24.15
N THR A 206 -11.88 8.18 23.87
CA THR A 206 -13.13 8.56 23.26
C THR A 206 -12.76 9.45 22.09
N TYR A 207 -13.25 9.13 20.89
CA TYR A 207 -12.84 9.86 19.70
C TYR A 207 -14.01 9.85 18.73
N GLU A 208 -13.94 10.73 17.74
CA GLU A 208 -14.99 10.85 16.75
C GLU A 208 -14.46 10.49 15.38
N GLN A 209 -15.26 9.76 14.60
CA GLN A 209 -14.84 9.44 13.24
C GLN A 209 -16.03 9.44 12.30
N PRO A 210 -15.81 9.80 11.04
CA PRO A 210 -16.91 9.82 10.06
C PRO A 210 -17.13 8.43 9.47
N ILE A 211 -18.39 8.01 9.45
CA ILE A 211 -18.79 6.75 8.84
C ILE A 211 -19.96 7.01 7.92
N GLU A 212 -20.29 6.02 7.12
CA GLU A 212 -21.43 6.09 6.23
C GLU A 212 -22.52 5.19 6.80
N VAL A 213 -23.70 5.75 7.02
CA VAL A 213 -24.84 5.02 7.56
C VAL A 213 -25.99 5.22 6.59
N ALA A 214 -26.43 4.14 5.95
CA ALA A 214 -27.52 4.22 4.98
C ALA A 214 -27.25 5.27 3.92
N GLY A 215 -26.00 5.33 3.46
CA GLY A 215 -25.64 6.22 2.36
C GLY A 215 -25.26 7.63 2.75
N GLU A 216 -25.49 8.05 3.99
CA GLU A 216 -25.15 9.39 4.44
CA GLU A 216 -25.09 9.39 4.38
C GLU A 216 -23.91 9.36 5.33
N ARG A 217 -23.04 10.33 5.15
CA ARG A 217 -21.88 10.50 5.99
C ARG A 217 -22.30 11.09 7.33
N VAL A 218 -21.94 10.44 8.43
CA VAL A 218 -22.23 10.99 9.76
C VAL A 218 -21.01 10.85 10.65
N TRP A 219 -20.91 11.76 11.61
CA TRP A 219 -19.90 11.67 12.64
C TRP A 219 -20.44 10.84 13.79
N ARG A 220 -19.62 9.94 14.33
CA ARG A 220 -20.00 9.17 15.50
C ARG A 220 -18.87 9.20 16.51
N THR A 221 -19.25 9.18 17.78
CA THR A 221 -18.31 9.08 18.87
C THR A 221 -18.11 7.61 19.25
N PHE A 222 -16.86 7.24 19.52
CA PHE A 222 -16.52 5.85 19.81
C PHE A 222 -15.78 5.77 21.13
N ARG A 223 -15.96 4.66 21.84
CA ARG A 223 -15.22 4.40 23.07
CA ARG A 223 -15.22 4.40 23.07
C ARG A 223 -14.41 3.11 22.93
N ASP A 224 -13.17 3.12 23.38
CA ASP A 224 -12.31 1.94 23.28
C ASP A 224 -11.35 1.97 24.46
N ILE A 225 -10.69 0.81 24.72
CA ILE A 225 -9.51 0.91 25.57
C ILE A 225 -8.45 1.69 24.79
N ASP A 226 -7.50 2.27 25.54
CA ASP A 226 -6.41 3.02 24.92
C ASP A 226 -5.46 2.02 24.26
N SER A 227 -5.76 1.64 23.02
CA SER A 227 -4.90 0.68 22.35
C SER A 227 -3.63 1.31 21.79
N GLU A 228 -3.46 2.62 21.92
CA GLU A 228 -2.25 3.32 21.49
C GLU A 228 -1.18 3.32 22.59
N HIS A 229 -1.53 3.84 23.77
CA HIS A 229 -0.61 3.95 24.90
C HIS A 229 -0.71 2.80 25.87
N GLY A 230 -1.59 1.82 25.64
CA GLY A 230 -1.75 0.76 26.61
C GLY A 230 -2.96 0.98 27.49
N ALA A 231 -3.73 -0.09 27.71
CA ALA A 231 -4.96 0.01 28.48
C ALA A 231 -4.67 0.25 29.96
N PHE A 232 -3.45 -0.02 30.40
CA PHE A 232 -3.05 0.27 31.77
C PHE A 232 -1.70 1.00 31.80
N ASP A 233 -1.43 1.66 32.91
CA ASP A 233 -0.06 2.06 33.22
C ASP A 233 0.68 0.80 33.66
N TYR A 234 1.60 0.30 32.83
CA TYR A 234 2.31 -0.93 33.14
C TYR A 234 3.65 -0.71 33.85
N SER A 235 3.89 0.49 34.39
CA SER A 235 5.22 0.89 34.85
C SER A 235 5.75 0.01 35.97
N SER A 236 4.88 -0.53 36.82
CA SER A 236 5.40 -1.35 37.90
C SER A 236 5.37 -2.84 37.57
N ALA A 237 4.78 -3.21 36.45
CA ALA A 237 4.64 -4.62 36.10
C ALA A 237 5.67 -5.11 35.12
N VAL A 238 6.34 -4.23 34.40
CA VAL A 238 7.32 -4.68 33.41
C VAL A 238 8.66 -3.99 33.68
N PRO A 239 9.78 -4.59 33.32
CA PRO A 239 11.07 -3.88 33.44
C PRO A 239 11.13 -2.70 32.48
N GLU A 240 11.88 -1.68 32.89
CA GLU A 240 12.05 -0.44 32.13
C GLU A 240 12.44 -0.76 30.71
N GLY A 241 11.81 -0.07 29.76
CA GLY A 241 12.18 -0.23 28.37
C GLY A 241 11.63 -1.48 27.70
N GLN A 242 10.79 -2.27 28.36
CA GLN A 242 10.21 -3.44 27.72
C GLN A 242 8.74 -3.19 27.41
N ASP A 243 8.32 -3.73 26.27
CA ASP A 243 6.94 -3.57 25.84
C ASP A 243 6.07 -4.56 26.59
N PRO A 244 4.96 -4.11 27.18
CA PRO A 244 4.10 -5.04 27.94
C PRO A 244 3.67 -6.29 27.16
N PHE A 245 3.22 -6.12 25.91
CA PHE A 245 2.77 -7.28 25.13
C PHE A 245 3.93 -8.24 24.88
N ALA A 246 5.17 -7.72 24.73
CA ALA A 246 6.31 -8.60 24.57
C ALA A 246 6.56 -9.40 25.85
N VAL A 247 6.40 -8.76 27.01
CA VAL A 247 6.57 -9.45 28.27
C VAL A 247 5.51 -10.53 28.43
N ILE A 248 4.25 -10.19 28.14
CA ILE A 248 3.18 -11.16 28.29
C ILE A 248 3.41 -12.36 27.35
N VAL A 249 3.77 -12.10 26.10
CA VAL A 249 3.94 -13.18 25.14
C VAL A 249 5.15 -14.04 25.52
N GLY A 250 6.23 -13.40 26.01
CA GLY A 250 7.36 -14.17 26.52
C GLY A 250 6.97 -15.06 27.70
N SER A 251 6.18 -14.52 28.63
CA SER A 251 5.74 -15.35 29.75
CA SER A 251 5.71 -15.32 29.76
C SER A 251 4.77 -16.43 29.30
N MET A 252 3.93 -16.14 28.30
CA MET A 252 3.06 -17.14 27.69
C MET A 252 3.89 -18.29 27.11
N LEU A 253 4.90 -17.97 26.30
CA LEU A 253 5.79 -18.99 25.73
C LEU A 253 6.45 -19.83 26.83
N ALA A 254 6.99 -19.18 27.86
CA ALA A 254 7.66 -19.92 28.93
C ALA A 254 6.71 -20.82 29.70
N ALA A 255 5.42 -20.47 29.77
CA ALA A 255 4.43 -21.36 30.40
C ALA A 255 3.98 -22.48 29.47
N GLY A 256 4.61 -22.67 28.33
CA GLY A 256 4.21 -23.75 27.45
C GLY A 256 3.05 -23.46 26.52
N ILE A 257 2.65 -22.20 26.36
CA ILE A 257 1.57 -21.83 25.45
C ILE A 257 2.20 -21.28 24.18
N GLY A 258 1.95 -21.91 23.04
CA GLY A 258 2.50 -21.47 21.78
C GLY A 258 3.74 -22.27 21.36
N ARG A 259 3.97 -22.32 20.05
CA ARG A 259 5.13 -23.00 19.50
C ARG A 259 5.93 -21.98 18.71
N GLU A 260 7.22 -22.19 18.62
CA GLU A 260 8.09 -21.26 17.93
C GLU A 260 8.89 -22.01 16.88
N GLY A 261 9.23 -21.31 15.80
CA GLY A 261 10.12 -21.89 14.81
C GLY A 261 10.49 -20.86 13.77
N PHE A 262 10.86 -21.31 12.58
CA PHE A 262 11.24 -20.40 11.51
C PHE A 262 10.39 -20.67 10.29
N VAL A 263 9.98 -19.60 9.63
CA VAL A 263 9.32 -19.63 8.35
C VAL A 263 10.22 -18.84 7.41
N GLY A 264 10.86 -19.52 6.47
CA GLY A 264 11.99 -18.88 5.81
C GLY A 264 13.01 -18.55 6.88
N ALA A 265 13.51 -17.32 6.87
CA ALA A 265 14.43 -16.91 7.90
C ALA A 265 13.73 -16.26 9.09
N ALA A 266 12.40 -16.17 9.08
CA ALA A 266 11.68 -15.37 10.07
C ALA A 266 11.39 -16.20 11.31
N ARG A 267 11.83 -15.70 12.46
CA ARG A 267 11.40 -16.31 13.70
C ARG A 267 9.90 -16.17 13.84
N SER A 268 9.22 -17.28 14.06
CA SER A 268 7.76 -17.27 13.98
C SER A 268 7.19 -18.02 15.17
N ARG A 269 5.98 -17.60 15.55
CA ARG A 269 5.33 -18.13 16.73
C ARG A 269 3.87 -18.35 16.42
N LEU A 270 3.35 -19.48 16.88
CA LEU A 270 1.97 -19.86 16.59
C LEU A 270 1.27 -20.20 17.89
N PHE A 271 0.16 -19.50 18.17
CA PHE A 271 -0.60 -19.65 19.42
C PHE A 271 -2.04 -20.05 19.14
N ASP A 272 -2.60 -20.88 20.04
CA ASP A 272 -4.05 -21.00 20.11
C ASP A 272 -4.62 -19.79 20.82
N ALA A 273 -5.66 -19.20 20.24
CA ALA A 273 -6.13 -17.89 20.69
C ALA A 273 -6.81 -17.97 22.05
N ALA A 274 -7.62 -19.01 22.28
CA ALA A 274 -8.33 -19.11 23.57
C ALA A 274 -7.36 -19.21 24.75
N PRO A 275 -6.37 -20.11 24.77
CA PRO A 275 -5.42 -20.09 25.90
C PRO A 275 -4.49 -18.88 25.92
N ALA A 276 -4.21 -18.24 24.78
CA ALA A 276 -3.41 -17.03 24.79
C ALA A 276 -4.16 -15.91 25.53
N VAL A 277 -5.43 -15.72 25.21
CA VAL A 277 -6.20 -14.66 25.85
C VAL A 277 -6.39 -14.95 27.32
N GLU A 278 -6.72 -16.21 27.67
CA GLU A 278 -6.87 -16.57 29.08
C GLU A 278 -5.58 -16.29 29.85
N PHE A 279 -4.43 -16.66 29.29
CA PHE A 279 -3.15 -16.35 29.90
C PHE A 279 -2.95 -14.84 30.04
N GLY A 280 -3.25 -14.08 28.97
CA GLY A 280 -3.02 -12.65 29.01
C GLY A 280 -3.87 -11.97 30.08
N VAL A 281 -5.14 -12.37 30.21
CA VAL A 281 -6.02 -11.79 31.22
C VAL A 281 -5.49 -12.07 32.61
N ARG A 282 -5.13 -13.32 32.88
CA ARG A 282 -4.56 -13.68 34.16
CA ARG A 282 -4.56 -13.68 34.16
C ARG A 282 -3.29 -12.88 34.44
N TRP A 283 -2.41 -12.76 33.45
CA TRP A 283 -1.17 -12.03 33.67
C TRP A 283 -1.48 -10.60 34.09
N ILE A 284 -2.39 -9.93 33.39
CA ILE A 284 -2.70 -8.54 33.74
C ILE A 284 -3.32 -8.45 35.14
N GLU A 285 -4.27 -9.34 35.44
CA GLU A 285 -4.96 -9.26 36.72
C GLU A 285 -4.02 -9.57 37.86
N GLU A 286 -3.09 -10.51 37.65
CA GLU A 286 -2.14 -10.85 38.71
C GLU A 286 -1.10 -9.75 38.90
N HIS A 287 -0.66 -9.10 37.81
CA HIS A 287 0.40 -8.10 37.98
C HIS A 287 -0.16 -6.75 38.42
N LEU A 288 -1.39 -6.39 38.03
CA LEU A 288 -1.88 -5.03 38.24
C LEU A 288 -2.86 -4.90 39.39
N ASN A 289 -3.25 -5.99 40.04
CA ASN A 289 -4.00 -5.94 41.28
C ASN A 289 -3.11 -6.16 42.50
N ARG A 290 -2.26 -7.18 42.44
CA ARG A 290 -1.32 -7.50 43.50
C ARG A 290 -1.98 -7.38 44.88
N ASP A 291 -3.17 -7.97 44.98
CA ASP A 291 -3.79 -8.20 46.27
C ASP A 291 -2.94 -9.22 47.02
N ASP B 6 7.53 8.64 14.49
CA ASP B 6 6.42 9.27 15.22
C ASP B 6 5.27 9.66 14.29
N ASP B 7 4.09 9.07 14.52
CA ASP B 7 2.88 9.41 13.77
C ASP B 7 2.44 10.85 14.04
N LYS B 8 2.18 11.16 15.31
CA LYS B 8 2.02 12.53 15.81
C LYS B 8 2.89 13.56 15.08
N MET B 9 4.18 13.29 15.03
CA MET B 9 5.14 14.21 14.45
C MET B 9 4.87 14.46 12.99
N ASP B 10 4.67 13.38 12.24
CA ASP B 10 4.46 13.49 10.80
C ASP B 10 3.23 14.34 10.55
N GLU B 11 2.19 14.14 11.35
CA GLU B 11 0.98 14.95 11.21
C GLU B 11 1.27 16.41 11.53
N THR B 12 2.03 16.69 12.59
CA THR B 12 2.37 18.06 12.96
C THR B 12 3.12 18.78 11.84
N GLU B 13 4.10 18.10 11.23
CA GLU B 13 4.87 18.74 10.19
C GLU B 13 4.04 18.99 8.93
N LEU B 14 3.16 18.06 8.58
CA LEU B 14 2.33 18.27 7.40
C LEU B 14 1.31 19.38 7.64
N LEU B 15 0.69 19.42 8.81
CA LEU B 15 -0.24 20.51 9.13
C LEU B 15 0.47 21.86 9.04
N ARG B 16 1.68 21.95 9.59
CA ARG B 16 2.43 23.19 9.53
C ARG B 16 2.70 23.58 8.08
N ARG B 17 3.07 22.59 7.25
CA ARG B 17 3.47 22.85 5.88
C ARG B 17 2.33 23.49 5.07
N SER B 18 1.11 22.99 5.22
CA SER B 18 -0.02 23.55 4.48
C SER B 18 -0.84 24.55 5.30
N ASP B 19 -0.39 24.91 6.49
CA ASP B 19 -1.15 25.79 7.40
C ASP B 19 -2.56 25.25 7.66
N GLY B 20 -2.64 23.95 7.93
CA GLY B 20 -3.89 23.35 8.28
C GLY B 20 -4.27 22.32 7.25
N PRO B 21 -5.36 21.58 7.52
CA PRO B 21 -5.82 20.53 6.60
C PRO B 21 -6.07 21.03 5.19
N VAL B 22 -5.75 20.18 4.24
CA VAL B 22 -6.02 20.45 2.82
C VAL B 22 -7.21 19.58 2.43
N THR B 23 -8.29 20.21 1.97
CA THR B 23 -9.51 19.46 1.71
C THR B 23 -9.73 19.18 0.23
N ARG B 24 -10.68 18.29 -0.03
CA ARG B 24 -11.05 17.95 -1.40
C ARG B 24 -11.42 19.20 -2.23
N ASP B 25 -12.29 20.04 -1.71
CA ASP B 25 -12.70 21.20 -2.51
C ASP B 25 -11.58 22.20 -2.73
N ARG B 26 -10.63 22.28 -1.81
CA ARG B 26 -9.52 23.19 -2.00
C ARG B 26 -8.57 22.69 -3.08
N ILE B 27 -8.28 21.39 -3.07
CA ILE B 27 -7.50 20.78 -4.13
C ILE B 27 -8.20 20.98 -5.48
N ARG B 28 -9.52 20.76 -5.52
CA ARG B 28 -10.25 20.95 -6.77
C ARG B 28 -10.05 22.37 -7.28
N HIS B 29 -10.18 23.34 -6.37
CA HIS B 29 -9.98 24.75 -6.73
C HIS B 29 -8.55 24.99 -7.27
N ASP B 30 -7.54 24.43 -6.59
CA ASP B 30 -6.16 24.65 -7.02
C ASP B 30 -5.89 23.96 -8.36
N LEU B 31 -6.48 22.80 -8.61
CA LEU B 31 -6.27 22.12 -9.88
C LEU B 31 -6.91 22.90 -11.04
N ALA B 32 -8.13 23.40 -10.85
CA ALA B 32 -8.75 24.25 -11.86
C ALA B 32 -7.90 25.51 -12.13
N ALA B 33 -7.32 26.10 -11.10
CA ALA B 33 -6.48 27.29 -11.31
C ALA B 33 -5.23 26.97 -12.13
N LEU B 34 -4.75 25.72 -12.07
CA LEU B 34 -3.62 25.30 -12.88
C LEU B 34 -3.97 25.17 -14.36
N GLY B 35 -5.25 24.97 -14.69
CA GLY B 35 -5.69 24.82 -16.08
C GLY B 35 -6.37 23.49 -16.36
N LEU B 36 -6.56 22.62 -15.38
CA LEU B 36 -7.27 21.39 -15.63
C LEU B 36 -8.76 21.69 -15.83
N VAL B 37 -9.40 21.03 -16.82
CA VAL B 37 -10.77 21.41 -17.19
C VAL B 37 -11.62 20.15 -17.37
N PRO B 38 -12.96 20.32 -17.36
CA PRO B 38 -13.85 19.18 -17.61
C PRO B 38 -13.50 18.48 -18.93
N GLY B 39 -13.51 17.16 -18.89
CA GLY B 39 -13.24 16.40 -20.07
C GLY B 39 -11.79 16.03 -20.29
N ASP B 40 -10.86 16.61 -19.51
CA ASP B 40 -9.44 16.32 -19.70
C ASP B 40 -9.15 14.85 -19.39
N THR B 41 -8.15 14.31 -20.09
CA THR B 41 -7.49 13.09 -19.65
C THR B 41 -6.13 13.49 -19.08
N VAL B 42 -5.87 13.14 -17.81
CA VAL B 42 -4.64 13.63 -17.18
C VAL B 42 -3.92 12.47 -16.50
N MET B 43 -2.68 12.23 -16.91
CA MET B 43 -1.77 11.34 -16.21
C MET B 43 -1.06 12.13 -15.10
N PHE B 44 -1.03 11.60 -13.88
CA PHE B 44 -0.53 12.43 -12.80
C PHE B 44 0.42 11.63 -11.92
N HIS B 45 1.49 12.34 -11.51
CA HIS B 45 2.54 11.88 -10.61
C HIS B 45 2.48 12.73 -9.34
N THR B 46 2.54 12.09 -8.19
CA THR B 46 2.17 12.73 -6.93
C THR B 46 3.24 12.51 -5.88
N ARG B 47 3.59 13.58 -5.17
CA ARG B 47 4.34 13.45 -3.93
C ARG B 47 3.38 13.97 -2.85
N LEU B 48 2.67 13.03 -2.22
CA LEU B 48 1.52 13.39 -1.42
C LEU B 48 1.87 14.32 -0.26
N SER B 49 2.97 14.06 0.45
CA SER B 49 3.31 14.91 1.59
C SER B 49 3.65 16.34 1.17
N ALA B 50 4.08 16.55 -0.09
CA ALA B 50 4.39 17.90 -0.55
C ALA B 50 3.14 18.77 -0.54
N ILE B 51 1.97 18.17 -0.73
CA ILE B 51 0.71 18.93 -0.67
C ILE B 51 0.48 19.48 0.73
N GLY B 52 0.86 18.71 1.76
CA GLY B 52 0.59 19.06 3.14
C GLY B 52 -0.23 17.96 3.79
N TYR B 53 -0.99 18.35 4.81
CA TYR B 53 -1.85 17.37 5.50
C TYR B 53 -3.15 17.26 4.71
N VAL B 54 -3.31 16.16 3.97
CA VAL B 54 -4.49 16.01 3.12
C VAL B 54 -5.54 15.22 3.89
N SER B 55 -6.67 15.86 4.17
CA SER B 55 -7.75 15.27 4.98
CA SER B 55 -7.72 15.25 4.99
C SER B 55 -8.38 14.13 4.18
N GLY B 56 -8.05 12.89 4.52
CA GLY B 56 -8.57 11.74 3.81
C GLY B 56 -7.57 11.06 2.90
N GLY B 57 -6.34 11.58 2.82
CA GLY B 57 -5.27 10.91 2.09
C GLY B 57 -5.52 10.80 0.60
N PRO B 58 -4.99 9.72 0.00
CA PRO B 58 -5.07 9.56 -1.48
C PRO B 58 -6.50 9.66 -2.01
N GLN B 59 -7.48 9.14 -1.28
CA GLN B 59 -8.87 9.17 -1.76
CA GLN B 59 -8.88 9.18 -1.74
C GLN B 59 -9.32 10.60 -2.04
N THR B 60 -8.85 11.56 -1.22
CA THR B 60 -9.25 12.94 -1.39
C THR B 60 -8.60 13.57 -2.64
N VAL B 61 -7.33 13.24 -2.90
CA VAL B 61 -6.69 13.70 -4.12
C VAL B 61 -7.43 13.17 -5.34
N ILE B 62 -7.77 11.88 -5.33
CA ILE B 62 -8.45 11.29 -6.50
C ILE B 62 -9.83 11.91 -6.71
N ASP B 63 -10.59 12.09 -5.63
CA ASP B 63 -11.92 12.67 -5.81
C ASP B 63 -11.88 14.14 -6.22
N ALA B 64 -10.86 14.89 -5.80
CA ALA B 64 -10.70 16.25 -6.30
C ALA B 64 -10.41 16.25 -7.80
N LEU B 65 -9.52 15.36 -8.25
CA LEU B 65 -9.23 15.25 -9.67
C LEU B 65 -10.48 14.89 -10.47
N LEU B 66 -11.29 13.94 -9.95
CA LEU B 66 -12.55 13.58 -10.60
C LEU B 66 -13.53 14.75 -10.61
N ASP B 67 -13.53 15.55 -9.54
CA ASP B 67 -14.38 16.75 -9.53
C ASP B 67 -14.03 17.68 -10.67
N VAL B 68 -12.72 17.86 -10.96
CA VAL B 68 -12.34 18.82 -11.97
C VAL B 68 -12.63 18.28 -13.36
N VAL B 69 -12.20 17.04 -13.65
CA VAL B 69 -12.35 16.56 -15.03
C VAL B 69 -13.75 16.06 -15.27
N GLY B 70 -14.52 15.76 -14.22
CA GLY B 70 -15.91 15.41 -14.37
C GLY B 70 -16.10 14.06 -15.02
N PRO B 71 -17.37 13.65 -15.24
CA PRO B 71 -17.62 12.26 -15.68
C PRO B 71 -17.06 11.91 -17.05
N THR B 72 -16.84 12.89 -17.93
CA THR B 72 -16.30 12.58 -19.25
C THR B 72 -14.77 12.57 -19.29
N GLY B 73 -14.10 12.96 -18.20
CA GLY B 73 -12.65 12.93 -18.15
C GLY B 73 -12.10 11.62 -17.61
N THR B 74 -10.77 11.54 -17.56
CA THR B 74 -10.10 10.30 -17.20
C THR B 74 -8.82 10.64 -16.45
N LEU B 75 -8.49 9.84 -15.43
CA LEU B 75 -7.23 9.94 -14.70
C LEU B 75 -6.36 8.75 -15.05
N LEU B 76 -5.06 8.94 -15.13
CA LEU B 76 -4.10 7.90 -15.41
C LEU B 76 -2.89 7.95 -14.49
N VAL B 77 -2.32 6.81 -14.14
CA VAL B 77 -1.11 6.77 -13.33
C VAL B 77 -0.20 5.68 -13.86
N THR B 78 1.06 5.73 -13.45
CA THR B 78 1.98 4.66 -13.78
C THR B 78 2.09 3.77 -12.55
N CYS B 79 1.89 2.46 -12.74
CA CYS B 79 1.91 1.47 -11.65
C CYS B 79 3.17 0.60 -11.64
N GLY B 80 3.44 -0.13 -12.71
CA GLY B 80 4.49 -1.14 -12.64
C GLY B 80 4.10 -2.25 -11.68
N TRP B 81 5.11 -3.05 -11.31
CA TRP B 81 4.92 -4.25 -10.49
C TRP B 81 6.02 -4.32 -9.44
N ASN B 82 5.67 -4.10 -8.16
CA ASN B 82 6.68 -4.04 -7.11
C ASN B 82 7.42 -5.34 -6.93
N ASP B 83 6.76 -6.46 -7.12
CA ASP B 83 7.35 -7.75 -6.77
C ASP B 83 7.68 -8.59 -8.01
N ALA B 84 8.02 -7.92 -9.11
CA ALA B 84 8.49 -8.62 -10.31
C ALA B 84 9.82 -9.29 -10.03
N PRO B 85 10.13 -10.40 -10.71
CA PRO B 85 11.48 -10.92 -10.64
C PRO B 85 12.45 -9.90 -11.21
N PRO B 86 13.64 -9.77 -10.63
CA PRO B 86 14.60 -8.80 -11.16
C PRO B 86 15.00 -9.12 -12.59
N TYR B 87 15.31 -8.07 -13.37
CA TYR B 87 15.73 -8.27 -14.76
C TYR B 87 16.87 -9.26 -14.85
N ASP B 88 17.83 -9.15 -13.93
CA ASP B 88 19.08 -9.87 -13.93
C ASP B 88 19.03 -11.16 -13.12
N PHE B 89 17.84 -11.70 -12.83
CA PHE B 89 17.77 -12.86 -11.94
C PHE B 89 18.43 -14.10 -12.55
N THR B 90 18.87 -14.01 -13.81
CA THR B 90 19.64 -15.06 -14.46
C THR B 90 21.14 -14.91 -14.24
N ASP B 91 21.54 -14.12 -13.23
CA ASP B 91 22.93 -14.00 -12.82
C ASP B 91 23.17 -14.59 -11.43
N TRP B 92 22.16 -15.29 -10.86
CA TRP B 92 22.18 -15.91 -9.54
C TRP B 92 22.70 -17.34 -9.62
N PRO B 93 23.05 -17.92 -8.48
CA PRO B 93 23.37 -19.36 -8.45
C PRO B 93 22.27 -20.17 -9.09
N PRO B 94 22.61 -21.24 -9.80
CA PRO B 94 21.61 -21.94 -10.62
C PRO B 94 20.39 -22.43 -9.86
N ALA B 95 20.55 -22.91 -8.62
CA ALA B 95 19.40 -23.36 -7.86
C ALA B 95 18.47 -22.21 -7.51
N TRP B 96 19.01 -21.01 -7.33
CA TRP B 96 18.17 -19.85 -7.02
C TRP B 96 17.29 -19.49 -8.21
N GLN B 97 17.90 -19.31 -9.39
CA GLN B 97 17.07 -18.84 -10.49
C GLN B 97 16.09 -19.91 -10.93
N GLU B 98 16.42 -21.19 -10.74
CA GLU B 98 15.44 -22.24 -10.96
C GLU B 98 14.23 -22.09 -10.03
N ALA B 99 14.48 -21.74 -8.77
CA ALA B 99 13.38 -21.48 -7.85
C ALA B 99 12.49 -20.34 -8.35
N VAL B 100 13.12 -19.26 -8.83
CA VAL B 100 12.36 -18.14 -9.40
C VAL B 100 11.54 -18.62 -10.60
N ARG B 101 12.18 -19.33 -11.53
CA ARG B 101 11.48 -19.76 -12.73
C ARG B 101 10.35 -20.73 -12.43
N ALA B 102 10.54 -21.59 -11.42
CA ALA B 102 9.50 -22.56 -11.08
C ALA B 102 8.41 -21.95 -10.21
N HIS B 103 8.70 -20.95 -9.38
CA HIS B 103 7.76 -20.56 -8.33
C HIS B 103 7.36 -19.09 -8.29
N HIS B 104 8.02 -18.21 -9.02
CA HIS B 104 7.61 -16.81 -8.99
C HIS B 104 6.21 -16.65 -9.61
N PRO B 105 5.24 -16.10 -8.87
CA PRO B 105 3.89 -16.02 -9.42
C PRO B 105 3.80 -15.06 -10.61
N ALA B 106 2.79 -15.30 -11.45
CA ALA B 106 2.53 -14.44 -12.59
C ALA B 106 2.05 -13.07 -12.14
N PHE B 107 2.41 -12.05 -12.93
CA PHE B 107 1.75 -10.76 -12.81
C PHE B 107 0.23 -10.92 -12.87
N ASP B 108 -0.47 -10.19 -12.01
CA ASP B 108 -1.93 -10.19 -11.96
C ASP B 108 -2.43 -8.74 -11.86
N PRO B 109 -3.11 -8.21 -12.89
CA PRO B 109 -3.51 -6.80 -12.84
C PRO B 109 -4.41 -6.45 -11.67
N ARG B 110 -5.17 -7.43 -11.14
CA ARG B 110 -6.06 -7.11 -10.03
C ARG B 110 -5.32 -6.97 -8.71
N THR B 111 -4.30 -7.79 -8.47
CA THR B 111 -3.71 -7.88 -7.14
C THR B 111 -2.23 -7.50 -7.07
N SER B 112 -1.46 -7.61 -8.16
CA SER B 112 -0.04 -7.26 -8.09
C SER B 112 0.12 -5.79 -7.73
N GLU B 113 0.88 -5.52 -6.68
CA GLU B 113 1.02 -4.15 -6.21
C GLU B 113 1.88 -3.33 -7.15
N ALA B 114 1.54 -2.05 -7.23
CA ALA B 114 2.35 -1.09 -7.96
C ALA B 114 3.72 -0.97 -7.29
N GLU B 115 4.67 -0.41 -8.05
CA GLU B 115 5.99 -0.16 -7.51
C GLU B 115 5.90 0.81 -6.34
N HIS B 116 6.59 0.50 -5.23
CA HIS B 116 6.51 1.33 -4.04
C HIS B 116 7.04 2.74 -4.28
N ALA B 117 8.02 2.87 -5.18
CA ALA B 117 8.58 4.19 -5.45
C ALA B 117 7.55 5.15 -6.04
N ASN B 118 6.47 4.66 -6.65
CA ASN B 118 5.47 5.59 -7.16
C ASN B 118 4.56 6.14 -6.07
N GLY B 119 4.69 5.65 -4.84
CA GLY B 119 3.98 6.25 -3.72
C GLY B 119 2.55 5.73 -3.65
N ARG B 120 1.80 6.26 -2.74
CA ARG B 120 0.48 5.81 -2.54
C ARG B 120 -0.55 6.12 -3.60
N LEU B 121 -0.36 7.12 -4.41
CA LEU B 121 -1.49 7.48 -5.28
C LEU B 121 -1.77 6.45 -6.38
N PRO B 122 -0.77 5.92 -7.11
CA PRO B 122 -1.10 4.91 -8.13
C PRO B 122 -1.71 3.66 -7.54
N GLU B 123 -1.28 3.26 -6.35
CA GLU B 123 -1.87 2.08 -5.73
C GLU B 123 -3.29 2.36 -5.26
N ALA B 124 -3.60 3.59 -4.85
CA ALA B 124 -4.99 3.93 -4.53
C ALA B 124 -5.85 4.01 -5.79
N LEU B 125 -5.33 4.63 -6.86
CA LEU B 125 -6.12 4.77 -8.09
C LEU B 125 -6.49 3.39 -8.67
N ARG B 126 -5.51 2.49 -8.79
CA ARG B 126 -5.81 1.20 -9.42
C ARG B 126 -6.82 0.40 -8.58
N ARG B 127 -6.92 0.65 -7.27
CA ARG B 127 -7.88 -0.10 -6.47
C ARG B 127 -9.26 0.56 -6.45
N ARG B 128 -9.43 1.74 -7.07
CA ARG B 128 -10.75 2.37 -7.11
C ARG B 128 -11.75 1.46 -7.82
N PRO B 129 -13.01 1.43 -7.37
CA PRO B 129 -14.07 0.78 -8.15
C PRO B 129 -14.10 1.33 -9.57
N GLY B 130 -14.16 0.43 -10.55
CA GLY B 130 -14.14 0.81 -11.95
C GLY B 130 -12.78 1.15 -12.56
N ALA B 131 -11.70 1.20 -11.77
CA ALA B 131 -10.39 1.51 -12.34
C ALA B 131 -9.94 0.35 -13.23
N VAL B 132 -9.12 0.65 -14.23
CA VAL B 132 -8.64 -0.35 -15.18
C VAL B 132 -7.11 -0.35 -15.17
N ARG B 133 -6.51 -1.52 -15.03
CA ARG B 133 -5.05 -1.62 -14.96
C ARG B 133 -4.54 -2.33 -16.21
N SER B 134 -3.50 -1.80 -16.84
CA SER B 134 -3.06 -2.42 -18.10
C SER B 134 -2.32 -3.73 -17.82
N ARG B 135 -2.13 -4.52 -18.87
CA ARG B 135 -1.74 -5.91 -18.65
C ARG B 135 -0.24 -6.10 -18.57
N HIS B 136 0.54 -5.04 -18.79
CA HIS B 136 1.98 -5.26 -18.90
C HIS B 136 2.60 -5.53 -17.53
N PRO B 137 3.46 -6.56 -17.41
CA PRO B 137 4.03 -6.89 -16.09
C PRO B 137 5.12 -5.96 -15.65
N ASP B 138 5.77 -5.25 -16.56
CA ASP B 138 6.84 -4.36 -16.15
C ASP B 138 6.41 -2.90 -16.06
N VAL B 139 5.57 -2.40 -16.96
CA VAL B 139 5.29 -0.97 -17.01
C VAL B 139 3.79 -0.71 -17.13
N SER B 140 2.99 -1.48 -16.40
CA SER B 140 1.54 -1.31 -16.43
C SER B 140 1.17 0.11 -16.00
N LEU B 141 0.08 0.60 -16.55
CA LEU B 141 -0.52 1.83 -16.06
C LEU B 141 -1.85 1.46 -15.44
N ALA B 142 -2.52 2.45 -14.86
CA ALA B 142 -3.91 2.26 -14.51
C ALA B 142 -4.66 3.53 -14.83
N ALA B 143 -5.96 3.40 -15.03
CA ALA B 143 -6.79 4.53 -15.42
C ALA B 143 -8.17 4.40 -14.79
N LEU B 144 -8.82 5.57 -14.63
CA LEU B 144 -10.13 5.66 -14.01
C LEU B 144 -10.89 6.77 -14.72
N GLY B 145 -12.06 6.45 -15.27
CA GLY B 145 -12.83 7.47 -15.94
C GLY B 145 -13.27 7.03 -17.33
N ALA B 146 -13.76 8.00 -18.12
CA ALA B 146 -14.56 7.69 -19.30
C ALA B 146 -13.73 6.97 -20.37
N SER B 147 -12.45 7.31 -20.52
CA SER B 147 -11.63 6.73 -21.58
C SER B 147 -10.75 5.60 -21.07
N ALA B 148 -10.94 5.19 -19.83
CA ALA B 148 -10.00 4.26 -19.20
C ALA B 148 -9.88 2.93 -19.94
N PRO B 149 -10.97 2.29 -20.43
CA PRO B 149 -10.76 0.99 -21.12
C PRO B 149 -9.95 1.09 -22.41
N ALA B 150 -10.24 2.05 -23.29
CA ALA B 150 -9.46 2.15 -24.52
C ALA B 150 -8.02 2.60 -24.24
N LEU B 151 -7.81 3.44 -23.22
CA LEU B 151 -6.44 3.86 -22.92
C LEU B 151 -5.59 2.67 -22.47
N MET B 152 -6.15 1.80 -21.63
CA MET B 152 -5.41 0.69 -21.03
C MET B 152 -5.39 -0.58 -21.86
N ASP B 153 -6.28 -0.66 -22.84
CA ASP B 153 -6.59 -1.94 -23.50
C ASP B 153 -5.37 -2.49 -24.22
N ALA B 154 -5.15 -3.80 -24.08
CA ALA B 154 -4.16 -4.52 -24.86
C ALA B 154 -2.80 -3.81 -24.88
N HIS B 155 -2.24 -3.57 -23.69
CA HIS B 155 -0.91 -2.97 -23.62
C HIS B 155 0.09 -3.80 -24.43
N PRO B 156 0.79 -3.20 -25.40
CA PRO B 156 1.69 -3.98 -26.26
C PRO B 156 2.82 -4.60 -25.45
N TRP B 157 3.05 -5.89 -25.67
CA TRP B 157 4.05 -6.60 -24.87
C TRP B 157 5.44 -6.02 -25.07
N ASP B 158 5.89 -5.96 -26.31
CA ASP B 158 7.19 -5.43 -26.70
C ASP B 158 7.05 -3.98 -27.12
N ASP B 159 8.16 -3.25 -27.03
CA ASP B 159 8.09 -1.80 -27.18
C ASP B 159 6.89 -1.23 -26.42
N PRO B 160 6.74 -1.50 -25.12
CA PRO B 160 5.54 -1.04 -24.41
C PRO B 160 5.48 0.48 -24.17
N HIS B 161 6.50 1.26 -24.53
CA HIS B 161 6.40 2.72 -24.50
C HIS B 161 6.23 3.32 -25.89
N GLY B 162 6.04 2.49 -26.90
CA GLY B 162 6.13 2.96 -28.26
C GLY B 162 4.80 3.28 -28.92
N PRO B 163 4.77 3.07 -30.23
CA PRO B 163 3.69 3.45 -31.12
C PRO B 163 2.35 2.89 -30.72
N GLY B 164 2.26 1.69 -30.18
CA GLY B 164 0.90 1.26 -29.91
C GLY B 164 0.37 1.54 -28.52
N SER B 165 1.14 2.19 -27.68
CA SER B 165 1.03 2.01 -26.24
C SER B 165 0.01 2.96 -25.63
N PRO B 166 -0.37 2.73 -24.36
CA PRO B 166 -1.18 3.73 -23.65
C PRO B 166 -0.63 5.13 -23.71
N LEU B 167 0.69 5.29 -23.61
CA LEU B 167 1.24 6.64 -23.64
C LEU B 167 1.00 7.29 -24.99
N ALA B 168 1.13 6.53 -26.09
CA ALA B 168 0.80 7.06 -27.41
C ALA B 168 -0.68 7.46 -27.47
N ARG B 169 -1.54 6.67 -26.85
CA ARG B 169 -2.96 7.00 -26.85
C ARG B 169 -3.27 8.22 -26.02
N LEU B 170 -2.52 8.46 -24.93
CA LEU B 170 -2.69 9.70 -24.19
C LEU B 170 -2.38 10.90 -25.07
N VAL B 171 -1.31 10.81 -25.86
CA VAL B 171 -0.94 11.90 -26.77
C VAL B 171 -2.05 12.11 -27.80
N ALA B 172 -2.58 11.03 -28.37
CA ALA B 172 -3.51 11.15 -29.50
C ALA B 172 -4.86 11.71 -29.05
N LEU B 173 -5.26 11.43 -27.81
CA LEU B 173 -6.42 11.97 -27.15
C LEU B 173 -6.30 13.45 -26.78
N GLY B 174 -5.11 14.05 -26.88
CA GLY B 174 -4.93 15.39 -26.38
C GLY B 174 -4.86 15.45 -24.86
N GLY B 175 -4.32 14.40 -24.23
CA GLY B 175 -4.27 14.31 -22.80
C GLY B 175 -3.21 15.24 -22.20
N ARG B 176 -3.14 15.22 -20.88
CA ARG B 176 -2.26 16.11 -20.12
C ARG B 176 -1.44 15.30 -19.14
N VAL B 177 -0.35 15.91 -18.66
CA VAL B 177 0.49 15.36 -17.60
C VAL B 177 0.52 16.36 -16.46
N LEU B 178 0.20 15.90 -15.26
CA LEU B 178 0.24 16.71 -14.05
C LEU B 178 1.33 16.17 -13.12
N LEU B 179 2.32 17.03 -12.78
CA LEU B 179 3.23 16.74 -11.67
C LEU B 179 2.67 17.43 -10.45
N LEU B 180 2.26 16.64 -9.46
CA LEU B 180 1.57 17.15 -8.28
C LEU B 180 2.54 17.02 -7.09
N GLY B 181 3.41 18.01 -6.95
CA GLY B 181 4.51 17.94 -6.03
C GLY B 181 5.62 17.01 -6.46
N ALA B 182 5.41 16.19 -7.48
CA ALA B 182 6.44 15.28 -7.95
C ALA B 182 7.51 16.05 -8.71
N PRO B 183 8.76 15.63 -8.64
CA PRO B 183 9.82 16.38 -9.32
C PRO B 183 9.82 16.12 -10.82
N ARG B 184 10.52 17.02 -11.53
CA ARG B 184 10.49 17.01 -12.99
C ARG B 184 10.94 15.66 -13.57
N ASP B 185 11.80 14.92 -12.86
CA ASP B 185 12.31 13.69 -13.45
C ASP B 185 11.29 12.55 -13.44
N THR B 186 10.14 12.71 -12.79
CA THR B 186 9.17 11.63 -12.72
C THR B 186 8.25 11.56 -13.94
N MET B 187 8.45 12.42 -14.94
CA MET B 187 7.53 12.40 -16.08
C MET B 187 7.73 11.17 -16.97
N THR B 188 6.92 10.13 -16.71
CA THR B 188 6.96 8.86 -17.43
C THR B 188 6.77 9.06 -18.94
N LEU B 189 5.94 10.01 -19.32
CA LEU B 189 5.64 10.24 -20.72
C LEU B 189 6.91 10.41 -21.58
N LEU B 190 8.01 10.88 -20.98
CA LEU B 190 9.24 11.03 -21.77
C LEU B 190 9.89 9.69 -22.13
N HIS B 191 9.43 8.57 -21.54
CA HIS B 191 9.85 7.28 -22.07
C HIS B 191 9.24 7.01 -23.43
N HIS B 192 8.04 7.53 -23.68
CA HIS B 192 7.45 7.47 -25.02
C HIS B 192 8.27 8.31 -26.00
N ALA B 193 8.77 9.46 -25.54
CA ALA B 193 9.69 10.23 -26.37
C ALA B 193 10.95 9.43 -26.70
N GLU B 194 11.55 8.79 -25.69
CA GLU B 194 12.71 7.95 -25.96
C GLU B 194 12.39 6.85 -26.97
N ALA B 195 11.20 6.26 -26.87
CA ALA B 195 10.84 5.19 -27.79
C ALA B 195 10.72 5.69 -29.24
N LEU B 196 10.27 6.92 -29.43
CA LEU B 196 10.13 7.50 -30.77
C LEU B 196 11.43 8.11 -31.30
N ALA B 197 12.33 8.53 -30.42
CA ALA B 197 13.46 9.35 -30.84
C ALA B 197 14.47 8.51 -31.62
N GLN B 198 14.99 9.11 -32.70
CA GLN B 198 15.98 8.47 -33.56
C GLN B 198 17.32 9.15 -33.38
N ALA B 199 18.29 8.40 -32.86
CA ALA B 199 19.62 8.91 -32.60
C ALA B 199 20.53 7.74 -32.34
N PRO B 200 21.82 7.83 -32.64
CA PRO B 200 22.72 6.70 -32.45
C PRO B 200 22.92 6.38 -30.97
N GLY B 201 23.17 5.11 -30.69
CA GLY B 201 23.44 4.67 -29.34
C GLY B 201 22.22 4.35 -28.51
N LYS B 202 21.11 3.97 -29.13
CA LYS B 202 19.89 3.70 -28.39
C LYS B 202 20.01 2.40 -27.60
N ARG B 203 19.61 2.43 -26.32
CA ARG B 203 19.78 1.31 -25.41
C ARG B 203 18.49 0.54 -25.27
N PHE B 204 18.57 -0.78 -25.42
CA PHE B 204 17.43 -1.66 -25.31
C PHE B 204 17.68 -2.70 -24.24
N VAL B 205 16.58 -3.24 -23.69
CA VAL B 205 16.65 -4.27 -22.67
C VAL B 205 15.83 -5.46 -23.11
N THR B 206 16.25 -6.64 -22.66
CA THR B 206 15.51 -7.89 -22.81
C THR B 206 15.45 -8.53 -21.45
N TYR B 207 14.24 -8.91 -21.03
CA TYR B 207 14.05 -9.55 -19.73
C TYR B 207 12.90 -10.54 -19.88
N GLU B 208 12.73 -11.38 -18.87
CA GLU B 208 11.60 -12.29 -18.87
C GLU B 208 10.77 -12.02 -17.63
N GLN B 209 9.47 -12.26 -17.73
CA GLN B 209 8.62 -12.08 -16.58
C GLN B 209 7.43 -13.00 -16.74
N PRO B 210 6.91 -13.54 -15.64
CA PRO B 210 5.77 -14.46 -15.74
C PRO B 210 4.47 -13.69 -15.87
N ILE B 211 3.67 -14.07 -16.86
CA ILE B 211 2.32 -13.57 -17.04
C ILE B 211 1.35 -14.75 -17.08
N GLU B 212 0.07 -14.41 -17.07
CA GLU B 212 -1.02 -15.35 -17.04
C GLU B 212 -1.84 -15.14 -18.32
N VAL B 213 -1.81 -16.13 -19.22
CA VAL B 213 -2.58 -16.09 -20.46
C VAL B 213 -3.32 -17.40 -20.62
N ALA B 214 -4.61 -17.30 -20.96
CA ALA B 214 -5.56 -18.41 -21.00
C ALA B 214 -5.83 -18.96 -19.61
N GLY B 215 -5.43 -18.26 -18.57
CA GLY B 215 -5.55 -18.74 -17.22
C GLY B 215 -4.40 -19.59 -16.74
N GLU B 216 -3.34 -19.74 -17.55
CA GLU B 216 -2.17 -20.48 -17.12
C GLU B 216 -0.97 -19.55 -17.07
N ARG B 217 -0.05 -19.85 -16.16
CA ARG B 217 1.14 -19.02 -16.01
C ARG B 217 2.20 -19.45 -17.00
N VAL B 218 2.71 -18.49 -17.76
CA VAL B 218 3.76 -18.73 -18.73
C VAL B 218 4.76 -17.60 -18.61
N TRP B 219 6.03 -17.93 -18.83
CA TRP B 219 7.06 -16.91 -18.96
C TRP B 219 7.02 -16.32 -20.36
N ARG B 220 7.42 -15.05 -20.47
CA ARG B 220 7.51 -14.37 -21.75
C ARG B 220 8.76 -13.51 -21.75
N THR B 221 9.40 -13.40 -22.90
CA THR B 221 10.52 -12.50 -23.09
C THR B 221 10.02 -11.17 -23.64
N PHE B 222 10.54 -10.07 -23.09
CA PHE B 222 10.09 -8.73 -23.42
C PHE B 222 11.26 -7.90 -23.91
N ARG B 223 10.99 -7.03 -24.87
CA ARG B 223 11.96 -6.06 -25.34
C ARG B 223 11.40 -4.67 -25.13
N ASP B 224 12.24 -3.75 -24.68
CA ASP B 224 11.84 -2.38 -24.36
C ASP B 224 13.08 -1.51 -24.53
N ILE B 225 12.88 -0.19 -24.57
CA ILE B 225 14.03 0.69 -24.32
C ILE B 225 14.45 0.58 -22.85
N ASP B 226 15.69 0.96 -22.58
CA ASP B 226 16.23 0.88 -21.22
C ASP B 226 15.63 2.02 -20.41
N SER B 227 14.46 1.75 -19.83
CA SER B 227 13.75 2.80 -19.10
C SER B 227 14.25 2.95 -17.68
N GLU B 228 15.39 2.34 -17.37
CA GLU B 228 15.99 2.43 -16.05
C GLU B 228 17.23 3.31 -16.03
N HIS B 229 18.13 3.13 -17.00
CA HIS B 229 19.35 3.91 -17.12
C HIS B 229 19.32 4.85 -18.31
N GLY B 230 18.16 5.08 -18.91
CA GLY B 230 18.08 5.98 -20.03
C GLY B 230 18.24 5.26 -21.35
N ALA B 231 17.43 5.64 -22.34
CA ALA B 231 17.50 4.98 -23.64
C ALA B 231 18.72 5.42 -24.44
N PHE B 232 19.45 6.43 -23.99
CA PHE B 232 20.67 6.85 -24.66
C PHE B 232 21.73 7.12 -23.60
N ASP B 233 22.95 7.37 -24.04
CA ASP B 233 23.91 7.99 -23.16
C ASP B 233 23.72 9.49 -23.30
N TYR B 234 23.22 10.11 -22.25
CA TYR B 234 23.03 11.55 -22.17
C TYR B 234 24.26 12.27 -21.62
N SER B 235 25.42 11.61 -21.61
CA SER B 235 26.66 12.17 -21.07
C SER B 235 26.99 13.54 -21.64
N SER B 236 26.83 13.69 -22.96
CA SER B 236 27.24 14.93 -23.60
C SER B 236 26.23 16.05 -23.40
N ALA B 237 24.96 15.71 -23.23
CA ALA B 237 23.92 16.73 -23.17
C ALA B 237 23.51 17.10 -21.76
N VAL B 238 23.95 16.35 -20.75
CA VAL B 238 23.42 16.46 -19.40
C VAL B 238 24.57 16.53 -18.41
N PRO B 239 24.74 17.63 -17.66
CA PRO B 239 25.76 17.66 -16.61
C PRO B 239 25.62 16.46 -15.70
N GLU B 240 26.75 15.87 -15.31
CA GLU B 240 26.64 14.68 -14.47
C GLU B 240 26.19 15.08 -13.07
N GLY B 241 25.52 14.15 -12.39
CA GLY B 241 24.73 14.47 -11.23
C GLY B 241 23.32 14.92 -11.55
N GLN B 242 23.03 15.24 -12.81
CA GLN B 242 21.73 15.74 -13.21
C GLN B 242 20.96 14.66 -13.96
N ASP B 243 19.62 14.62 -13.74
CA ASP B 243 18.77 13.61 -14.39
C ASP B 243 18.33 14.12 -15.75
N PRO B 244 18.50 13.31 -16.80
CA PRO B 244 18.11 13.76 -18.16
C PRO B 244 16.67 14.25 -18.26
N PHE B 245 15.70 13.50 -17.72
CA PHE B 245 14.30 13.96 -17.81
C PHE B 245 14.11 15.29 -17.09
N ALA B 246 14.84 15.51 -16.00
CA ALA B 246 14.74 16.79 -15.31
C ALA B 246 15.24 17.92 -16.20
N VAL B 247 16.31 17.67 -16.95
CA VAL B 247 16.83 18.68 -17.86
C VAL B 247 15.86 18.93 -19.01
N ILE B 248 15.30 17.86 -19.59
CA ILE B 248 14.35 18.02 -20.70
C ILE B 248 13.13 18.82 -20.24
N VAL B 249 12.55 18.46 -19.09
CA VAL B 249 11.35 19.15 -18.62
C VAL B 249 11.66 20.60 -18.27
N GLY B 250 12.85 20.85 -17.71
CA GLY B 250 13.25 22.22 -17.45
C GLY B 250 13.34 23.05 -18.71
N SER B 251 13.91 22.48 -19.78
CA SER B 251 13.96 23.18 -21.06
C SER B 251 12.56 23.33 -21.63
N MET B 252 11.75 22.28 -21.51
CA MET B 252 10.36 22.35 -21.91
C MET B 252 9.67 23.55 -21.29
N LEU B 253 9.76 23.66 -19.96
CA LEU B 253 9.12 24.75 -19.24
C LEU B 253 9.65 26.10 -19.69
N ALA B 254 10.97 26.20 -19.87
CA ALA B 254 11.59 27.47 -20.28
C ALA B 254 11.15 27.86 -21.67
N ALA B 255 10.85 26.90 -22.54
CA ALA B 255 10.31 27.18 -23.86
C ALA B 255 8.82 27.51 -23.84
N GLY B 256 8.20 27.62 -22.66
CA GLY B 256 6.79 27.97 -22.56
C GLY B 256 5.81 26.82 -22.67
N ILE B 257 6.26 25.58 -22.55
CA ILE B 257 5.36 24.42 -22.58
C ILE B 257 5.15 23.98 -21.14
N GLY B 258 3.93 24.09 -20.64
CA GLY B 258 3.65 23.70 -19.27
C GLY B 258 3.36 24.91 -18.41
N ARG B 259 2.47 24.74 -17.43
CA ARG B 259 2.08 25.81 -16.54
C ARG B 259 2.42 25.35 -15.14
N GLU B 260 3.01 26.26 -14.35
CA GLU B 260 3.41 25.95 -12.98
C GLU B 260 2.48 26.65 -12.00
N GLY B 261 2.25 25.99 -10.87
CA GLY B 261 1.55 26.64 -9.78
C GLY B 261 1.59 25.80 -8.53
N PHE B 262 0.56 25.92 -7.69
CA PHE B 262 0.61 25.26 -6.39
C PHE B 262 -0.72 24.59 -6.13
N VAL B 263 -0.63 23.38 -5.59
CA VAL B 263 -1.81 22.61 -5.19
C VAL B 263 -1.56 22.26 -3.74
N GLY B 264 -2.31 22.88 -2.83
CA GLY B 264 -1.89 22.84 -1.43
C GLY B 264 -0.53 23.51 -1.32
N ALA B 265 0.41 22.90 -0.58
CA ALA B 265 1.78 23.43 -0.58
C ALA B 265 2.69 22.78 -1.64
N ALA B 266 2.14 22.03 -2.59
CA ALA B 266 2.93 21.24 -3.54
C ALA B 266 3.16 22.06 -4.80
N ARG B 267 4.43 22.32 -5.11
CA ARG B 267 4.80 22.86 -6.42
CA ARG B 267 4.78 22.86 -6.41
C ARG B 267 4.33 21.90 -7.50
N SER B 268 3.48 22.40 -8.42
CA SER B 268 2.80 21.54 -9.39
C SER B 268 2.98 22.08 -10.80
N ARG B 269 2.96 21.18 -11.77
CA ARG B 269 3.14 21.56 -13.16
C ARG B 269 2.19 20.77 -14.05
N LEU B 270 1.55 21.46 -14.96
CA LEU B 270 0.55 20.87 -15.85
C LEU B 270 0.97 21.13 -17.29
N PHE B 271 1.09 20.05 -18.06
CA PHE B 271 1.55 20.05 -19.44
C PHE B 271 0.51 19.42 -20.35
N ASP B 272 0.44 19.91 -21.59
CA ASP B 272 -0.24 19.15 -22.63
C ASP B 272 0.71 18.07 -23.15
N ALA B 273 0.20 16.82 -23.25
CA ALA B 273 1.06 15.67 -23.55
C ALA B 273 1.64 15.73 -24.96
N ALA B 274 0.84 16.12 -25.96
CA ALA B 274 1.35 16.13 -27.33
C ALA B 274 2.52 17.11 -27.50
N PRO B 275 2.45 18.39 -27.08
CA PRO B 275 3.64 19.26 -27.23
C PRO B 275 4.82 18.82 -26.37
N ALA B 276 4.57 18.21 -25.20
CA ALA B 276 5.66 17.74 -24.36
C ALA B 276 6.44 16.61 -25.03
N VAL B 277 5.73 15.66 -25.64
CA VAL B 277 6.41 14.58 -26.36
C VAL B 277 7.11 15.12 -27.58
N GLU B 278 6.43 15.95 -28.36
CA GLU B 278 7.07 16.59 -29.51
C GLU B 278 8.35 17.32 -29.09
N PHE B 279 8.30 18.07 -27.99
CA PHE B 279 9.50 18.75 -27.51
C PHE B 279 10.56 17.75 -27.11
N GLY B 280 10.17 16.68 -26.43
CA GLY B 280 11.15 15.75 -25.89
C GLY B 280 11.91 15.02 -26.99
N VAL B 281 11.19 14.59 -28.02
CA VAL B 281 11.88 13.85 -29.08
C VAL B 281 12.80 14.78 -29.85
N ARG B 282 12.37 16.03 -30.07
CA ARG B 282 13.25 16.98 -30.74
C ARG B 282 14.46 17.32 -29.87
N TRP B 283 14.27 17.39 -28.57
CA TRP B 283 15.40 17.58 -27.67
C TRP B 283 16.41 16.45 -27.82
N ILE B 284 15.93 15.21 -27.79
CA ILE B 284 16.83 14.06 -27.84
C ILE B 284 17.53 13.98 -29.18
N GLU B 285 16.80 14.22 -30.26
CA GLU B 285 17.39 14.09 -31.58
C GLU B 285 18.38 15.20 -31.87
N GLU B 286 18.11 16.41 -31.36
CA GLU B 286 19.05 17.49 -31.63
C GLU B 286 20.30 17.37 -30.77
N HIS B 287 20.15 17.03 -29.49
CA HIS B 287 21.35 16.90 -28.66
C HIS B 287 22.17 15.67 -29.02
N LEU B 288 21.54 14.60 -29.49
CA LEU B 288 22.24 13.33 -29.63
C LEU B 288 22.59 12.93 -31.06
N ASN B 289 22.14 13.66 -32.06
CA ASN B 289 22.48 13.24 -33.41
C ASN B 289 23.71 13.96 -33.95
N ARG B 290 23.89 15.23 -33.59
CA ARG B 290 25.07 15.99 -34.00
C ARG B 290 25.31 15.98 -35.51
N ASP B 291 24.25 16.17 -36.27
CA ASP B 291 24.33 16.15 -37.74
C ASP B 291 24.67 17.53 -38.30
O1 TAR C . 8.76 2.07 -0.27
O11 TAR C . 6.65 2.57 0.07
C1 TAR C . 7.72 2.01 0.45
C2 TAR C . 7.74 1.23 1.77
O2 TAR C . 8.78 0.29 1.74
C3 TAR C . 7.91 2.21 2.95
O3 TAR C . 9.21 2.74 2.99
C4 TAR C . 7.61 1.47 4.24
O4 TAR C . 8.09 1.86 5.33
O41 TAR C . 6.87 0.45 4.21
O1 TAR D . -25.09 0.03 18.01
O11 TAR D . -25.53 2.07 17.39
C1 TAR D . -25.62 0.84 17.19
C2 TAR D . -26.37 0.30 15.95
O2 TAR D . -26.13 1.15 14.84
C3 TAR D . -25.97 -1.16 15.65
O3 TAR D . -24.74 -1.50 16.24
C4 TAR D . -25.95 -1.45 14.13
O4 TAR D . -25.89 -0.51 13.29
O41 TAR D . -26.01 -2.66 13.74
C FMT E . -21.06 -5.18 8.43
O1 FMT E . -19.85 -5.11 8.27
O2 FMT E . -21.61 -5.44 9.48
C FMT F . 3.10 -30.69 14.53
O1 FMT F . 3.56 -30.21 13.49
O2 FMT F . 3.13 -30.14 15.63
C FMT G . 8.22 -23.92 27.45
O1 FMT G . 9.21 -23.43 26.92
O2 FMT G . 8.22 -24.62 28.49
C FMT H . 5.92 -5.48 5.77
O1 FMT H . 5.33 -5.11 4.79
O2 FMT H . 5.72 -6.66 6.26
C FMT I . -10.17 -30.63 7.34
O1 FMT I . -10.94 -30.42 6.44
O2 FMT I . -10.57 -30.70 8.60
CL CL J . -6.11 -9.15 -22.51
O1 TAR K . -20.97 10.59 -18.27
O11 TAR K . -21.03 10.37 -20.42
C1 TAR K . -20.50 10.08 -19.30
C2 TAR K . -19.30 9.12 -19.21
O2 TAR K . -19.74 7.84 -18.84
C3 TAR K . -18.48 9.05 -20.51
O3 TAR K . -18.88 9.99 -21.47
C4 TAR K . -18.40 7.61 -21.07
O4 TAR K . -18.43 6.62 -20.29
O41 TAR K . -18.28 7.41 -22.31
C FMT L . -6.89 28.72 -15.48
O1 FMT L . -5.84 28.55 -16.12
O2 FMT L . -8.02 28.82 -15.98
C FMT M . -17.91 11.46 -3.98
O1 FMT M . -18.53 12.09 -3.12
O2 FMT M . -18.23 11.39 -5.17
C FMT N . -10.07 18.10 -23.65
O1 FMT N . -11.02 18.86 -23.43
O2 FMT N . -9.69 17.73 -24.77
C FMT O . 2.25 29.01 -18.70
O1 FMT O . 1.67 29.46 -17.71
O2 FMT O . 1.70 28.47 -19.66
#